data_8ZC8
#
_entry.id   8ZC8
#
_cell.length_a   113.953
_cell.length_b   113.953
_cell.length_c   108.771
_cell.angle_alpha   90.00
_cell.angle_beta   90.00
_cell.angle_gamma   120.00
#
_symmetry.space_group_name_H-M   'P 31 2 1'
#
loop_
_entity.id
_entity.type
_entity.pdbx_description
1 polymer MitM
2 non-polymer S-ADENOSYL-L-HOMOCYSTEINE
3 non-polymer "[(1aS,8S,8aR,8bS)-6,8a-dimethoxy-5-methyl-4,7-dioxo-1,1a,2,4,7,8,8a,8b-octahydroazireno[2',3':3,4]pyrrolo[1,2-a]indol-8-yl]methyl carbamate"
4 water water
#
_entity_poly.entity_id   1
_entity_poly.type   'polypeptide(L)'
_entity_poly.pdbx_seq_one_letter_code
;MPHSELSELPMPSPASEEVGALYDRFTALGAASLGENLHFGYWDSPDSQVPLAEATDRLTDMMAERLRIGAGSRVLDLGC
GVGTPGVRIARLSGAHVTGISVSHEQVVRANALAEEAGLADRARFQRADAMDLPFEDESFDAVIALESIIHMPDRAQVLA
QVGRVLRPGGRLVLTDFFERAPLAPEGRAAVQRYLHDFMMTMVSAEAYPPLLRGAGLWLEEFLDISDQTLEKTFRLLSER
INSSKQRLETQFGEEMVNQFDPGDLVGVKEFGYLLLVAQRPGK
;
_entity_poly.pdbx_strand_id   A,B
#
# COMPACT_ATOMS: atom_id res chain seq x y z
N LEU A 6 -13.70 15.17 -2.82
CA LEU A 6 -14.33 13.93 -2.41
C LEU A 6 -15.81 13.84 -2.79
N SER A 7 -16.15 13.20 -3.94
CA SER A 7 -17.47 13.32 -4.59
C SER A 7 -17.73 14.73 -5.12
N GLU A 8 -16.64 15.44 -5.52
CA GLU A 8 -16.73 16.77 -6.14
C GLU A 8 -17.63 16.75 -7.37
N LEU A 9 -17.64 15.61 -8.12
CA LEU A 9 -18.61 15.27 -9.14
C LEU A 9 -19.81 14.58 -8.50
N PRO A 10 -20.96 14.69 -9.13
CA PRO A 10 -22.11 13.96 -8.63
C PRO A 10 -21.84 12.47 -8.72
N MET A 11 -22.15 11.75 -7.66
CA MET A 11 -22.02 10.33 -7.84
C MET A 11 -23.37 9.66 -7.67
N PRO A 12 -23.81 8.84 -8.64
CA PRO A 12 -25.06 8.10 -8.47
C PRO A 12 -24.92 7.04 -7.39
N SER A 13 -26.07 6.59 -6.91
CA SER A 13 -26.08 5.53 -5.88
C SER A 13 -26.75 4.31 -6.48
N PRO A 14 -25.99 3.28 -6.90
CA PRO A 14 -26.57 2.09 -7.52
C PRO A 14 -27.52 1.40 -6.55
N ALA A 15 -28.58 0.80 -7.11
CA ALA A 15 -29.33 -0.22 -6.39
C ALA A 15 -28.77 -1.55 -6.84
N SER A 16 -28.53 -2.46 -5.87
CA SER A 16 -27.95 -3.72 -6.29
C SER A 16 -28.87 -4.47 -7.24
N GLU A 17 -30.19 -4.18 -7.20
CA GLU A 17 -31.10 -4.74 -8.20
C GLU A 17 -30.87 -4.13 -9.58
N GLU A 18 -30.55 -2.83 -9.65
CA GLU A 18 -30.41 -2.19 -10.94
C GLU A 18 -29.12 -2.60 -11.65
N VAL A 19 -28.06 -2.89 -10.88
CA VAL A 19 -26.79 -3.31 -11.48
C VAL A 19 -26.91 -4.73 -12.01
N GLY A 20 -27.68 -5.59 -11.34
CA GLY A 20 -28.01 -6.88 -11.93
C GLY A 20 -28.79 -6.74 -13.22
N ALA A 21 -29.85 -5.93 -13.20
CA ALA A 21 -30.57 -5.62 -14.43
C ALA A 21 -29.64 -5.05 -15.48
N LEU A 22 -28.60 -4.33 -15.04
CA LEU A 22 -27.61 -3.76 -15.96
C LEU A 22 -26.71 -4.84 -16.55
N TYR A 23 -26.20 -5.73 -15.71
CA TYR A 23 -25.36 -6.79 -16.25
C TYR A 23 -26.18 -7.89 -16.93
N ASP A 24 -27.43 -8.11 -16.50
CA ASP A 24 -28.32 -8.99 -17.26
C ASP A 24 -28.34 -8.58 -18.71
N ARG A 25 -28.62 -7.29 -18.95
CA ARG A 25 -28.62 -6.82 -20.32
C ARG A 25 -27.26 -6.98 -20.98
N PHE A 26 -26.15 -6.82 -20.23
CA PHE A 26 -24.84 -6.94 -20.85
C PHE A 26 -24.53 -8.38 -21.23
N THR A 27 -24.74 -9.30 -20.29
CA THR A 27 -24.23 -10.66 -20.42
C THR A 27 -24.91 -11.40 -21.56
N ALA A 28 -26.21 -11.19 -21.70
CA ALA A 28 -26.98 -11.84 -22.76
C ALA A 28 -26.90 -11.08 -24.07
N LEU A 29 -26.40 -9.84 -24.06
CA LEU A 29 -26.11 -9.15 -25.30
C LEU A 29 -24.91 -9.78 -26.01
N GLY A 30 -24.32 -10.83 -25.44
CA GLY A 30 -23.10 -11.43 -25.97
C GLY A 30 -21.84 -10.67 -25.62
N ALA A 31 -21.97 -9.47 -25.04
CA ALA A 31 -20.84 -8.65 -24.64
C ALA A 31 -19.93 -9.40 -23.68
N ALA A 32 -20.42 -9.63 -22.46
CA ALA A 32 -19.70 -10.44 -21.47
C ALA A 32 -19.87 -11.91 -21.85
N SER A 33 -19.14 -12.29 -22.89
CA SER A 33 -19.27 -13.68 -23.39
C SER A 33 -18.43 -14.66 -22.60
N LEU A 34 -18.67 -15.94 -22.81
CA LEU A 34 -18.00 -17.02 -22.10
C LEU A 34 -16.49 -16.89 -22.14
N GLY A 35 -15.88 -16.83 -20.97
CA GLY A 35 -14.44 -16.90 -20.88
C GLY A 35 -13.72 -15.59 -21.02
N GLU A 36 -14.42 -14.48 -20.86
CA GLU A 36 -13.84 -13.16 -20.98
C GLU A 36 -13.81 -12.48 -19.61
N ASN A 37 -12.78 -11.68 -19.39
CA ASN A 37 -12.64 -10.93 -18.15
C ASN A 37 -13.37 -9.60 -18.29
N LEU A 38 -14.18 -9.25 -17.27
CA LEU A 38 -14.76 -7.91 -17.16
C LEU A 38 -13.98 -7.07 -16.16
N HIS A 39 -12.75 -6.72 -16.54
CA HIS A 39 -11.94 -5.85 -15.70
C HIS A 39 -10.69 -5.44 -16.45
N PHE A 40 -9.98 -4.48 -15.87
CA PHE A 40 -8.89 -3.84 -16.59
C PHE A 40 -7.76 -4.81 -16.81
N GLY A 41 -7.05 -4.59 -17.92
CA GLY A 41 -5.78 -5.22 -18.09
C GLY A 41 -4.71 -4.50 -17.32
N TYR A 42 -3.62 -5.20 -17.03
CA TYR A 42 -2.53 -4.60 -16.31
C TYR A 42 -1.22 -4.88 -17.03
N TRP A 43 -0.47 -3.81 -17.28
CA TRP A 43 0.84 -3.88 -17.92
C TRP A 43 1.86 -3.20 -17.02
N ASP A 44 3.15 -3.50 -17.24
CA ASP A 44 4.24 -2.92 -16.43
C ASP A 44 4.77 -1.61 -16.98
N SER A 45 4.78 -1.50 -18.31
CA SER A 45 5.34 -0.29 -18.96
C SER A 45 4.33 0.24 -19.96
N PRO A 46 4.17 1.57 -20.11
CA PRO A 46 3.16 2.10 -21.03
C PRO A 46 3.40 1.69 -22.47
N ASP A 47 4.60 1.20 -22.78
CA ASP A 47 4.93 0.80 -24.17
C ASP A 47 4.80 -0.72 -24.31
N SER A 48 4.41 -1.41 -23.24
CA SER A 48 4.38 -2.87 -23.26
C SER A 48 3.27 -3.38 -24.16
N GLN A 49 3.62 -4.29 -25.06
CA GLN A 49 2.69 -4.70 -26.12
C GLN A 49 2.01 -6.03 -25.82
N VAL A 50 1.85 -6.37 -24.54
CA VAL A 50 1.04 -7.55 -24.23
C VAL A 50 -0.39 -7.29 -24.68
N PRO A 51 -1.09 -8.25 -25.31
CA PRO A 51 -2.43 -7.97 -25.81
C PRO A 51 -3.43 -7.94 -24.67
N LEU A 52 -4.62 -7.44 -25.00
CA LEU A 52 -5.60 -7.15 -23.96
C LEU A 52 -5.89 -8.38 -23.10
N ALA A 53 -6.18 -9.51 -23.75
CA ALA A 53 -6.62 -10.68 -22.99
C ALA A 53 -5.59 -11.10 -21.91
N GLU A 54 -4.29 -11.02 -22.23
CA GLU A 54 -3.29 -11.47 -21.26
C GLU A 54 -3.11 -10.47 -20.15
N ALA A 55 -3.25 -9.19 -20.45
CA ALA A 55 -3.14 -8.22 -19.38
C ALA A 55 -4.23 -8.43 -18.36
N THR A 56 -5.47 -8.67 -18.83
CA THR A 56 -6.62 -8.87 -17.94
C THR A 56 -6.44 -10.12 -17.08
N ASP A 57 -5.97 -11.22 -17.69
CA ASP A 57 -5.61 -12.38 -16.89
C ASP A 57 -4.57 -12.02 -15.85
N ARG A 58 -3.61 -11.16 -16.22
CA ARG A 58 -2.54 -10.83 -15.27
C ARG A 58 -3.09 -10.12 -14.03
N LEU A 59 -4.05 -9.20 -14.18
CA LEU A 59 -4.65 -8.62 -12.99
C LEU A 59 -5.28 -9.70 -12.12
N THR A 60 -6.04 -10.62 -12.73
CA THR A 60 -6.66 -11.71 -11.96
C THR A 60 -5.63 -12.44 -11.14
N ASP A 61 -4.50 -12.77 -11.77
CA ASP A 61 -3.47 -13.54 -11.09
C ASP A 61 -2.82 -12.71 -9.99
N MET A 62 -2.68 -11.41 -10.25
CA MET A 62 -2.05 -10.51 -9.30
C MET A 62 -2.84 -10.45 -8.00
N MET A 63 -4.17 -10.38 -8.11
CA MET A 63 -4.99 -10.31 -6.91
C MET A 63 -5.07 -11.68 -6.25
N ALA A 64 -4.98 -12.75 -7.04
CA ALA A 64 -5.18 -14.09 -6.50
C ALA A 64 -4.09 -14.47 -5.52
N GLU A 65 -2.84 -14.20 -5.86
CA GLU A 65 -1.79 -14.63 -4.94
C GLU A 65 -1.86 -13.84 -3.64
N ARG A 66 -2.37 -12.62 -3.70
CA ARG A 66 -2.55 -11.87 -2.47
C ARG A 66 -3.48 -12.59 -1.52
N LEU A 67 -4.50 -13.26 -2.07
CA LEU A 67 -5.37 -14.06 -1.24
C LEU A 67 -4.60 -15.09 -0.45
N ARG A 68 -3.43 -15.49 -0.95
CA ARG A 68 -2.55 -16.45 -0.28
C ARG A 68 -3.27 -17.78 -0.02
N ILE A 69 -3.71 -18.42 -1.11
CA ILE A 69 -4.53 -19.62 -1.05
C ILE A 69 -3.81 -20.79 -1.73
N GLY A 70 -4.15 -22.00 -1.30
CA GLY A 70 -3.70 -23.21 -1.96
C GLY A 70 -4.89 -24.03 -2.43
N ALA A 71 -4.68 -25.32 -2.74
CA ALA A 71 -5.81 -26.22 -2.93
C ALA A 71 -6.47 -26.50 -1.60
N GLY A 72 -7.79 -26.61 -1.61
CA GLY A 72 -8.51 -26.72 -0.36
C GLY A 72 -8.83 -25.42 0.31
N SER A 73 -8.67 -24.31 -0.39
CA SER A 73 -9.09 -23.01 0.11
C SER A 73 -10.50 -22.73 -0.37
N ARG A 74 -11.32 -22.24 0.41
CA ARG A 74 -12.68 -21.82 0.00
C ARG A 74 -12.58 -20.33 -0.24
N VAL A 75 -12.79 -19.88 -1.38
CA VAL A 75 -12.66 -18.50 -1.83
C VAL A 75 -14.02 -17.98 -2.25
N LEU A 76 -14.35 -16.77 -1.78
CA LEU A 76 -15.56 -16.08 -2.22
C LEU A 76 -15.24 -15.17 -3.39
N ASP A 77 -15.99 -15.31 -4.47
CA ASP A 77 -15.80 -14.47 -5.65
C ASP A 77 -16.91 -13.43 -5.54
N LEU A 78 -16.60 -12.35 -4.82
CA LEU A 78 -17.55 -11.29 -4.49
C LEU A 78 -17.83 -10.42 -5.70
N GLY A 79 -18.81 -10.82 -6.50
CA GLY A 79 -19.21 -10.06 -7.68
C GLY A 79 -18.44 -10.68 -8.82
N CYS A 80 -18.99 -11.75 -9.41
CA CYS A 80 -18.20 -12.64 -10.32
C CYS A 80 -18.45 -12.60 -11.83
N GLY A 81 -19.41 -11.85 -12.33
CA GLY A 81 -19.55 -11.76 -13.80
C GLY A 81 -19.87 -13.04 -14.54
N VAL A 82 -19.13 -13.41 -15.49
CA VAL A 82 -19.39 -14.64 -16.29
C VAL A 82 -18.45 -15.71 -15.78
N GLY A 83 -17.87 -15.48 -14.59
CA GLY A 83 -17.13 -16.55 -13.90
C GLY A 83 -15.76 -16.82 -14.48
N THR A 84 -15.28 -15.97 -15.35
CA THR A 84 -13.98 -16.26 -15.99
C THR A 84 -12.87 -16.21 -14.92
N PRO A 85 -12.67 -15.12 -14.17
CA PRO A 85 -11.65 -15.10 -13.13
C PRO A 85 -11.84 -16.22 -12.10
N GLY A 86 -13.07 -16.42 -11.63
CA GLY A 86 -13.31 -17.43 -10.61
C GLY A 86 -12.95 -18.84 -11.09
N VAL A 87 -13.38 -19.20 -12.31
CA VAL A 87 -13.09 -20.53 -12.83
C VAL A 87 -11.60 -20.70 -12.97
N ARG A 88 -10.94 -19.68 -13.50
CA ARG A 88 -9.49 -19.70 -13.58
C ARG A 88 -8.83 -19.78 -12.21
N ILE A 89 -9.38 -19.13 -11.20
CA ILE A 89 -8.73 -19.26 -9.90
C ILE A 89 -8.87 -20.68 -9.37
N ALA A 90 -10.04 -21.30 -9.55
CA ALA A 90 -10.19 -22.68 -9.09
C ALA A 90 -9.30 -23.60 -9.90
N ARG A 91 -9.21 -23.34 -11.20
CA ARG A 91 -8.45 -24.20 -12.10
C ARG A 91 -6.96 -24.17 -11.78
N LEU A 92 -6.41 -23.00 -11.53
CA LEU A 92 -4.98 -22.88 -11.29
C LEU A 92 -4.59 -23.07 -9.84
N SER A 93 -5.52 -22.94 -8.88
CA SER A 93 -5.20 -23.10 -7.47
C SER A 93 -5.78 -24.35 -6.86
N GLY A 94 -6.83 -24.92 -7.45
CA GLY A 94 -7.52 -26.00 -6.81
C GLY A 94 -8.31 -25.57 -5.59
N ALA A 95 -8.54 -24.28 -5.45
CA ALA A 95 -9.38 -23.78 -4.37
C ALA A 95 -10.85 -23.92 -4.77
N HIS A 96 -11.68 -24.31 -3.81
CA HIS A 96 -13.12 -24.32 -4.06
C HIS A 96 -13.58 -22.87 -4.10
N VAL A 97 -14.03 -22.42 -5.26
CA VAL A 97 -14.50 -21.04 -5.41
C VAL A 97 -16.03 -21.04 -5.50
N THR A 98 -16.58 -20.10 -4.65
CA THR A 98 -18.03 -19.85 -4.66
C THR A 98 -18.23 -18.40 -5.08
N GLY A 99 -18.61 -18.17 -6.37
CA GLY A 99 -18.88 -16.82 -6.84
C GLY A 99 -20.33 -16.42 -6.58
N ILE A 100 -20.54 -15.12 -6.42
CA ILE A 100 -21.89 -14.55 -6.33
C ILE A 100 -21.93 -13.37 -7.29
N SER A 101 -23.09 -13.20 -7.92
CA SER A 101 -23.38 -12.06 -8.78
C SER A 101 -24.79 -11.59 -8.47
N VAL A 102 -25.14 -10.39 -8.94
CA VAL A 102 -26.52 -9.93 -8.78
C VAL A 102 -27.25 -10.11 -10.11
N SER A 103 -26.49 -10.18 -11.20
CA SER A 103 -27.08 -10.48 -12.50
C SER A 103 -27.32 -11.98 -12.65
N HIS A 104 -28.59 -12.36 -12.82
CA HIS A 104 -28.89 -13.78 -13.00
C HIS A 104 -28.28 -14.30 -14.28
N GLU A 105 -28.41 -13.55 -15.36
CA GLU A 105 -27.86 -14.00 -16.62
C GLU A 105 -26.34 -14.13 -16.57
N GLN A 106 -25.70 -13.55 -15.57
CA GLN A 106 -24.28 -13.80 -15.36
C GLN A 106 -24.07 -15.11 -14.64
N VAL A 107 -24.72 -15.30 -13.50
CA VAL A 107 -24.45 -16.50 -12.73
C VAL A 107 -24.67 -17.74 -13.60
N VAL A 108 -25.60 -17.66 -14.55
CA VAL A 108 -25.85 -18.78 -15.46
C VAL A 108 -24.61 -19.12 -16.26
N ARG A 109 -24.11 -18.15 -17.02
CA ARG A 109 -22.97 -18.44 -17.87
C ARG A 109 -21.71 -18.66 -17.06
N ALA A 110 -21.68 -18.19 -15.81
CA ALA A 110 -20.55 -18.54 -14.95
C ALA A 110 -20.51 -20.04 -14.73
N ASN A 111 -21.63 -20.63 -14.32
CA ASN A 111 -21.68 -22.05 -14.07
C ASN A 111 -21.40 -22.87 -15.34
N ALA A 112 -21.86 -22.38 -16.49
CA ALA A 112 -21.58 -23.08 -17.73
C ALA A 112 -20.08 -23.15 -18.02
N LEU A 113 -19.35 -22.07 -17.71
CA LEU A 113 -17.91 -22.05 -17.89
C LEU A 113 -17.22 -23.05 -16.97
N ALA A 114 -17.62 -23.08 -15.70
CA ALA A 114 -17.06 -24.09 -14.81
C ALA A 114 -17.36 -25.50 -15.32
N GLU A 115 -18.57 -25.72 -15.84
CA GLU A 115 -18.91 -27.01 -16.44
C GLU A 115 -17.95 -27.35 -17.58
N GLU A 116 -17.73 -26.42 -18.50
CA GLU A 116 -16.91 -26.79 -19.64
C GLU A 116 -15.47 -27.04 -19.24
N ALA A 117 -15.05 -26.57 -18.07
CA ALA A 117 -13.68 -26.74 -17.64
C ALA A 117 -13.43 -28.05 -16.89
N GLY A 118 -14.46 -28.84 -16.60
CA GLY A 118 -14.26 -29.94 -15.70
C GLY A 118 -14.23 -29.51 -14.26
N LEU A 119 -14.70 -28.28 -13.99
CA LEU A 119 -14.57 -27.64 -12.69
C LEU A 119 -15.90 -27.34 -12.04
N ALA A 120 -17.01 -27.86 -12.58
CA ALA A 120 -18.31 -27.52 -12.03
C ALA A 120 -18.41 -27.90 -10.56
N ASP A 121 -17.57 -28.82 -10.10
CA ASP A 121 -17.57 -29.15 -8.71
C ASP A 121 -16.72 -28.20 -7.88
N ARG A 122 -15.68 -27.59 -8.45
CA ARG A 122 -14.81 -26.74 -7.64
C ARG A 122 -15.02 -25.25 -7.91
N ALA A 123 -15.82 -24.90 -8.91
CA ALA A 123 -16.14 -23.50 -9.24
C ALA A 123 -17.65 -23.38 -9.34
N ARG A 124 -18.18 -22.86 -8.08
CA ARG A 124 -19.66 -22.77 -7.93
C ARG A 124 -20.11 -21.30 -7.98
N PHE A 125 -21.30 -21.05 -8.75
CA PHE A 125 -21.79 -19.69 -8.78
C PHE A 125 -23.25 -19.64 -8.37
N GLN A 126 -23.65 -18.47 -7.88
CA GLN A 126 -25.04 -18.26 -7.40
C GLN A 126 -25.42 -16.79 -7.49
N ARG A 127 -26.71 -16.50 -7.65
CA ARG A 127 -27.19 -15.12 -7.62
C ARG A 127 -27.34 -14.65 -6.17
N ALA A 128 -26.72 -13.51 -5.83
CA ALA A 128 -26.74 -12.98 -4.45
C ALA A 128 -26.12 -11.59 -4.41
N ASP A 129 -26.51 -10.82 -3.39
CA ASP A 129 -26.09 -9.45 -3.17
C ASP A 129 -25.03 -9.40 -2.07
N ALA A 130 -23.88 -8.80 -2.39
CA ALA A 130 -22.80 -8.70 -1.40
C ALA A 130 -23.29 -8.02 -0.14
N MET A 131 -24.26 -7.13 -0.28
CA MET A 131 -24.80 -6.44 0.86
C MET A 131 -25.39 -7.39 1.87
N ASP A 132 -25.86 -8.54 1.41
CA ASP A 132 -26.44 -9.52 2.33
C ASP A 132 -25.93 -10.89 1.85
N LEU A 133 -24.83 -11.33 2.46
CA LEU A 133 -24.18 -12.55 2.00
C LEU A 133 -24.92 -13.74 2.55
N PRO A 134 -25.49 -14.58 1.72
CA PRO A 134 -26.13 -15.80 2.21
C PRO A 134 -25.13 -16.86 2.66
N PHE A 135 -24.33 -16.61 3.67
CA PHE A 135 -23.22 -17.52 3.94
C PHE A 135 -22.97 -17.51 5.44
N GLU A 136 -22.56 -18.65 5.95
CA GLU A 136 -22.31 -18.75 7.38
C GLU A 136 -21.13 -17.87 7.77
N ASP A 137 -21.16 -17.38 9.01
CA ASP A 137 -20.01 -16.68 9.56
C ASP A 137 -18.78 -17.56 9.48
N GLU A 138 -17.64 -16.94 9.14
CA GLU A 138 -16.33 -17.60 9.18
C GLU A 138 -16.25 -18.79 8.22
N SER A 139 -16.78 -18.60 7.02
CA SER A 139 -16.91 -19.71 6.08
C SER A 139 -15.85 -19.71 5.00
N PHE A 140 -15.15 -18.60 4.80
CA PHE A 140 -14.28 -18.42 3.65
C PHE A 140 -12.86 -18.11 4.10
N ASP A 141 -11.88 -18.78 3.48
CA ASP A 141 -10.48 -18.46 3.73
C ASP A 141 -10.08 -17.13 3.05
N ALA A 142 -10.89 -16.60 2.14
CA ALA A 142 -10.52 -15.40 1.40
C ALA A 142 -11.65 -14.92 0.50
N VAL A 143 -11.66 -13.63 0.22
CA VAL A 143 -12.68 -13.03 -0.61
C VAL A 143 -11.98 -12.11 -1.57
N ILE A 144 -12.38 -12.16 -2.82
CA ILE A 144 -11.82 -11.26 -3.80
C ILE A 144 -12.97 -10.48 -4.42
N ALA A 145 -12.77 -9.17 -4.60
CA ALA A 145 -13.76 -8.26 -5.16
C ALA A 145 -13.14 -7.57 -6.37
N LEU A 146 -12.91 -8.26 -7.38
CA LEU A 146 -12.28 -7.72 -8.60
C LEU A 146 -13.30 -6.83 -9.30
N GLU A 147 -13.11 -5.64 -9.36
CA GLU A 147 -13.92 -4.62 -10.00
C GLU A 147 -15.39 -4.76 -9.63
N SER A 148 -15.66 -5.12 -8.40
CA SER A 148 -17.04 -5.29 -8.01
C SER A 148 -17.49 -4.20 -7.05
N ILE A 149 -16.72 -3.92 -6.00
CA ILE A 149 -17.18 -3.05 -4.91
C ILE A 149 -17.67 -1.71 -5.43
N ILE A 150 -17.23 -1.35 -6.63
CA ILE A 150 -17.55 -0.05 -7.21
C ILE A 150 -19.04 0.07 -7.51
N HIS A 151 -19.66 -1.01 -7.95
CA HIS A 151 -21.08 -1.02 -8.23
C HIS A 151 -21.92 -1.08 -6.96
N MET A 152 -21.32 -1.34 -5.83
CA MET A 152 -22.20 -1.69 -4.73
C MET A 152 -22.68 -0.44 -4.00
N PRO A 153 -23.85 -0.51 -3.38
CA PRO A 153 -24.44 0.68 -2.75
C PRO A 153 -23.77 1.14 -1.47
N ASP A 154 -23.02 0.29 -0.77
CA ASP A 154 -22.41 0.75 0.47
C ASP A 154 -21.17 -0.08 0.78
N ARG A 155 -20.00 0.55 0.76
CA ARG A 155 -18.80 -0.22 1.06
C ARG A 155 -18.74 -0.64 2.53
N ALA A 156 -19.12 0.26 3.45
CA ALA A 156 -19.00 -0.05 4.86
C ALA A 156 -19.87 -1.23 5.29
N GLN A 157 -20.89 -1.58 4.51
CA GLN A 157 -21.70 -2.76 4.79
C GLN A 157 -21.17 -3.99 4.06
N VAL A 158 -20.91 -3.86 2.76
CA VAL A 158 -20.27 -4.96 2.04
C VAL A 158 -19.00 -5.37 2.79
N LEU A 159 -18.21 -4.39 3.26
CA LEU A 159 -17.01 -4.72 4.02
C LEU A 159 -17.37 -5.44 5.31
N ALA A 160 -18.34 -4.94 6.04
CA ALA A 160 -18.77 -5.67 7.23
C ALA A 160 -19.21 -7.08 6.87
N GLN A 161 -19.90 -7.25 5.73
CA GLN A 161 -20.40 -8.58 5.37
C GLN A 161 -19.27 -9.54 5.04
N VAL A 162 -18.33 -9.10 4.21
CA VAL A 162 -17.13 -9.90 3.93
C VAL A 162 -16.40 -10.19 5.21
N GLY A 163 -16.19 -9.16 6.05
CA GLY A 163 -15.48 -9.35 7.30
C GLY A 163 -16.12 -10.37 8.20
N ARG A 164 -17.44 -10.56 8.05
CA ARG A 164 -18.15 -11.57 8.80
C ARG A 164 -17.77 -12.98 8.34
N VAL A 165 -17.84 -13.22 7.02
CA VAL A 165 -17.69 -14.57 6.47
C VAL A 165 -16.23 -14.95 6.38
N LEU A 166 -15.34 -13.97 6.29
CA LEU A 166 -13.91 -14.27 6.25
C LEU A 166 -13.47 -14.88 7.57
N ARG A 167 -12.82 -16.02 7.49
CA ARG A 167 -12.30 -16.62 8.70
C ARG A 167 -11.14 -15.78 9.24
N PRO A 168 -10.95 -15.76 10.56
CA PRO A 168 -9.77 -15.09 11.13
C PRO A 168 -8.48 -15.56 10.49
N GLY A 169 -7.67 -14.58 10.07
CA GLY A 169 -6.50 -14.80 9.26
C GLY A 169 -6.72 -14.64 7.78
N GLY A 170 -7.95 -14.83 7.29
CA GLY A 170 -8.21 -14.73 5.87
C GLY A 170 -8.11 -13.30 5.38
N ARG A 171 -8.05 -13.12 4.06
CA ARG A 171 -7.74 -11.82 3.48
C ARG A 171 -8.77 -11.38 2.45
N LEU A 172 -8.86 -10.09 2.24
CA LEU A 172 -9.76 -9.54 1.26
C LEU A 172 -8.91 -8.82 0.24
N VAL A 173 -9.16 -9.12 -1.04
CA VAL A 173 -8.50 -8.42 -2.14
C VAL A 173 -9.58 -7.83 -3.02
N LEU A 174 -9.47 -6.53 -3.30
CA LEU A 174 -10.43 -5.83 -4.13
C LEU A 174 -9.67 -4.81 -4.98
N THR A 175 -10.25 -4.48 -6.12
CA THR A 175 -9.93 -3.20 -6.70
C THR A 175 -11.10 -2.27 -6.42
N ASP A 176 -10.84 -0.96 -6.56
CA ASP A 176 -11.81 0.10 -6.32
C ASP A 176 -11.39 1.32 -7.11
N PHE A 177 -12.34 2.21 -7.31
CA PHE A 177 -12.04 3.54 -7.86
C PHE A 177 -11.84 4.55 -6.74
N PHE A 178 -11.07 5.60 -7.04
CA PHE A 178 -10.80 6.63 -6.04
C PHE A 178 -10.30 7.90 -6.72
N GLU A 179 -10.33 9.01 -5.97
CA GLU A 179 -9.84 10.30 -6.45
C GLU A 179 -8.38 10.44 -6.04
N ARG A 180 -7.50 10.47 -7.03
CA ARG A 180 -6.09 10.70 -6.73
C ARG A 180 -5.90 12.10 -6.16
N ALA A 181 -6.65 13.06 -6.65
CA ALA A 181 -6.54 14.46 -6.30
C ALA A 181 -7.70 15.18 -7.01
N PRO A 182 -8.09 16.37 -6.56
CA PRO A 182 -9.30 17.01 -7.12
C PRO A 182 -9.33 16.95 -8.64
N LEU A 183 -10.54 16.82 -9.20
CA LEU A 183 -10.64 16.52 -10.62
C LEU A 183 -10.59 17.78 -11.46
N ALA A 184 -9.88 17.70 -12.56
CA ALA A 184 -9.61 18.76 -13.51
C ALA A 184 -10.85 19.05 -14.36
N PRO A 185 -11.13 20.32 -14.62
CA PRO A 185 -12.38 20.66 -15.32
C PRO A 185 -12.50 20.03 -16.68
N GLU A 186 -11.47 20.10 -17.50
CA GLU A 186 -11.58 19.59 -18.86
C GLU A 186 -11.90 18.10 -18.87
N GLY A 187 -11.90 17.44 -17.70
CA GLY A 187 -12.14 16.02 -17.57
C GLY A 187 -13.12 15.62 -16.50
N ARG A 188 -13.73 16.61 -15.82
CA ARG A 188 -14.87 16.30 -14.96
C ARG A 188 -16.05 15.76 -15.77
N ALA A 189 -16.02 15.94 -17.09
CA ALA A 189 -17.14 15.56 -17.95
C ALA A 189 -17.22 14.05 -18.13
N ALA A 190 -16.16 13.46 -18.66
CA ALA A 190 -16.18 12.04 -18.96
C ALA A 190 -16.30 11.19 -17.70
N VAL A 191 -15.76 11.63 -16.57
CA VAL A 191 -15.85 10.84 -15.35
C VAL A 191 -17.30 10.78 -14.86
N GLN A 192 -17.98 11.94 -14.81
CA GLN A 192 -19.36 11.98 -14.34
C GLN A 192 -20.25 11.06 -15.15
N ARG A 193 -19.97 10.94 -16.46
CA ARG A 193 -20.76 10.10 -17.36
C ARG A 193 -20.51 8.61 -17.09
N TYR A 194 -19.25 8.23 -16.92
CA TYR A 194 -18.85 6.84 -16.64
C TYR A 194 -19.51 6.32 -15.35
N LEU A 195 -19.43 7.09 -14.26
CA LEU A 195 -19.98 6.64 -12.99
C LEU A 195 -21.50 6.53 -13.00
N HIS A 196 -22.20 7.31 -13.84
CA HIS A 196 -23.65 7.19 -13.98
C HIS A 196 -24.01 6.02 -14.88
N ASP A 197 -23.38 5.95 -16.06
CA ASP A 197 -23.74 4.95 -17.05
C ASP A 197 -23.40 3.53 -16.64
N PHE A 198 -22.61 3.34 -15.61
CA PHE A 198 -22.32 1.99 -15.18
C PHE A 198 -22.61 1.82 -13.70
N MET A 199 -23.30 2.76 -13.08
CA MET A 199 -23.74 2.63 -11.70
C MET A 199 -22.56 2.38 -10.76
N MET A 200 -21.64 3.36 -10.68
CA MET A 200 -20.43 3.20 -9.88
C MET A 200 -20.10 4.46 -9.09
N THR A 201 -19.37 4.24 -7.99
CA THR A 201 -18.98 5.28 -7.05
C THR A 201 -17.49 5.19 -6.72
N MET A 202 -16.87 6.34 -6.47
CA MET A 202 -15.48 6.45 -6.05
C MET A 202 -15.39 6.66 -4.54
N VAL A 203 -14.18 6.50 -4.01
CA VAL A 203 -13.97 6.79 -2.60
C VAL A 203 -12.74 7.68 -2.45
N SER A 204 -12.65 8.30 -1.28
CA SER A 204 -11.38 8.83 -0.83
C SER A 204 -10.52 7.66 -0.37
N ALA A 205 -9.24 7.71 -0.69
CA ALA A 205 -8.33 6.67 -0.23
C ALA A 205 -8.22 6.64 1.29
N GLU A 206 -8.36 7.80 1.94
CA GLU A 206 -8.43 7.84 3.40
C GLU A 206 -9.74 7.26 3.91
N ALA A 207 -10.72 7.05 3.04
CA ALA A 207 -11.96 6.39 3.45
C ALA A 207 -11.69 4.96 3.91
N TYR A 208 -10.85 4.22 3.17
CA TYR A 208 -10.80 2.76 3.33
C TYR A 208 -10.37 2.30 4.71
N PRO A 209 -9.29 2.80 5.29
CA PRO A 209 -8.81 2.22 6.57
C PRO A 209 -9.85 2.33 7.67
N PRO A 210 -10.68 3.43 7.71
CA PRO A 210 -11.88 3.39 8.54
C PRO A 210 -12.86 2.28 8.13
N LEU A 211 -13.33 2.31 6.87
CA LEU A 211 -14.33 1.34 6.44
C LEU A 211 -13.88 -0.07 6.77
N LEU A 212 -12.63 -0.38 6.45
CA LEU A 212 -12.08 -1.70 6.76
C LEU A 212 -12.07 -1.95 8.26
N ARG A 213 -11.63 -0.96 9.05
CA ARG A 213 -11.72 -1.11 10.49
C ARG A 213 -13.18 -1.27 10.93
N GLY A 214 -14.08 -0.52 10.28
CA GLY A 214 -15.52 -0.63 10.51
C GLY A 214 -16.09 -1.98 10.15
N ALA A 215 -15.29 -2.85 9.57
CA ALA A 215 -15.64 -4.23 9.31
C ALA A 215 -14.77 -5.19 10.09
N GLY A 216 -14.07 -4.70 11.12
CA GLY A 216 -13.12 -5.56 11.79
C GLY A 216 -12.07 -6.16 10.86
N LEU A 217 -11.51 -5.36 9.96
CA LEU A 217 -10.38 -5.73 9.10
C LEU A 217 -9.30 -4.65 9.17
N TRP A 218 -8.06 -5.04 9.52
CA TRP A 218 -6.90 -4.16 9.38
C TRP A 218 -6.43 -4.13 7.94
N LEU A 219 -6.20 -2.96 7.40
CA LEU A 219 -5.60 -2.93 6.07
C LEU A 219 -4.19 -3.53 6.09
N GLU A 220 -3.80 -4.14 4.96
CA GLU A 220 -2.47 -4.70 4.78
C GLU A 220 -1.69 -4.00 3.69
N GLU A 221 -2.36 -3.54 2.64
CA GLU A 221 -1.67 -3.04 1.46
C GLU A 221 -2.61 -2.19 0.61
N PHE A 222 -2.23 -0.93 0.37
CA PHE A 222 -2.93 -0.03 -0.54
C PHE A 222 -2.00 0.28 -1.69
N LEU A 223 -2.51 0.21 -2.92
CA LEU A 223 -1.67 0.21 -4.12
C LEU A 223 -2.39 0.98 -5.23
N ASP A 224 -1.95 2.20 -5.48
CA ASP A 224 -2.46 2.96 -6.61
C ASP A 224 -1.89 2.31 -7.85
N ILE A 225 -2.72 1.63 -8.63
CA ILE A 225 -2.26 0.96 -9.84
C ILE A 225 -2.68 1.72 -11.09
N SER A 226 -3.16 2.97 -10.92
CA SER A 226 -3.79 3.67 -12.02
C SER A 226 -2.88 3.73 -13.23
N ASP A 227 -1.60 4.00 -13.03
CA ASP A 227 -0.72 4.25 -14.18
C ASP A 227 -0.40 2.98 -14.95
N GLN A 228 -0.78 1.81 -14.43
CA GLN A 228 -0.60 0.51 -15.09
C GLN A 228 -1.85 0.00 -15.81
N THR A 229 -3.03 0.52 -15.48
CA THR A 229 -4.29 -0.11 -15.83
C THR A 229 -5.13 0.71 -16.79
N LEU A 230 -5.49 1.94 -16.39
CA LEU A 230 -6.62 2.65 -16.99
C LEU A 230 -6.32 3.03 -18.44
N GLU A 231 -5.12 3.56 -18.72
CA GLU A 231 -4.89 4.27 -19.98
C GLU A 231 -4.84 3.33 -21.18
N LYS A 232 -3.96 2.34 -21.13
CA LYS A 232 -3.85 1.39 -22.25
C LYS A 232 -5.17 0.69 -22.50
N THR A 233 -5.89 0.35 -21.43
CA THR A 233 -7.20 -0.29 -21.56
C THR A 233 -8.17 0.58 -22.35
N PHE A 234 -8.31 1.84 -21.94
CA PHE A 234 -9.29 2.67 -22.62
C PHE A 234 -8.89 2.90 -24.06
N ARG A 235 -7.60 3.15 -24.32
CA ARG A 235 -7.14 3.22 -25.70
C ARG A 235 -7.59 1.98 -26.46
N LEU A 236 -7.19 0.80 -25.95
CA LEU A 236 -7.50 -0.45 -26.64
C LEU A 236 -9.00 -0.64 -26.79
N LEU A 237 -9.78 -0.29 -25.78
CA LEU A 237 -11.23 -0.43 -25.88
C LEU A 237 -11.82 0.49 -26.94
N SER A 238 -11.36 1.74 -26.97
CA SER A 238 -11.94 2.73 -27.91
C SER A 238 -11.77 2.27 -29.35
N GLU A 239 -10.57 1.84 -29.73
CA GLU A 239 -10.34 1.46 -31.14
C GLU A 239 -11.44 0.50 -31.55
N ARG A 240 -11.63 -0.57 -30.79
CA ARG A 240 -12.69 -1.57 -31.09
C ARG A 240 -14.01 -0.83 -31.35
N ILE A 241 -14.52 -0.15 -30.34
CA ILE A 241 -15.83 0.57 -30.48
C ILE A 241 -15.80 1.37 -31.78
N ASN A 242 -14.78 2.20 -31.97
CA ASN A 242 -14.73 3.07 -33.18
C ASN A 242 -14.68 2.17 -34.42
N SER A 243 -13.71 1.25 -34.47
CA SER A 243 -13.59 0.32 -35.62
C SER A 243 -14.95 -0.30 -35.90
N SER A 244 -15.56 -0.88 -34.87
CA SER A 244 -16.89 -1.52 -35.04
C SER A 244 -17.86 -0.57 -35.75
N LYS A 245 -17.96 0.67 -35.27
CA LYS A 245 -18.91 1.63 -35.87
C LYS A 245 -18.62 1.76 -37.36
N GLN A 246 -17.35 1.96 -37.70
CA GLN A 246 -16.96 2.13 -39.12
C GLN A 246 -17.21 0.82 -39.85
N ARG A 247 -17.05 -0.30 -39.15
CA ARG A 247 -17.33 -1.62 -39.76
C ARG A 247 -18.85 -1.73 -39.99
N LEU A 248 -19.64 -1.00 -39.22
CA LEU A 248 -21.11 -1.00 -39.43
C LEU A 248 -21.45 0.11 -40.42
N GLU A 249 -20.78 0.13 -41.57
CA GLU A 249 -21.08 1.14 -42.62
C GLU A 249 -22.07 0.53 -43.61
N THR A 250 -22.35 -0.77 -43.45
CA THR A 250 -23.26 -1.46 -44.39
C THR A 250 -24.44 -2.02 -43.61
N GLU A 255 -23.59 5.60 -37.61
CA GLU A 255 -25.02 5.76 -37.44
C GLU A 255 -25.35 6.03 -35.98
N MET A 256 -25.46 4.96 -35.21
CA MET A 256 -25.62 5.12 -33.75
C MET A 256 -24.23 5.53 -33.29
N VAL A 257 -24.09 6.68 -32.67
CA VAL A 257 -22.75 7.22 -32.37
C VAL A 257 -22.69 7.90 -30.99
N ASN A 258 -23.58 7.52 -30.07
CA ASN A 258 -23.53 7.98 -28.68
C ASN A 258 -23.49 6.78 -27.74
N GLN A 259 -22.27 6.30 -27.44
CA GLN A 259 -22.09 5.24 -26.45
C GLN A 259 -20.91 5.52 -25.53
N PHE A 260 -20.51 6.78 -25.36
CA PHE A 260 -19.45 7.16 -24.40
C PHE A 260 -18.17 6.38 -24.68
N ASP A 261 -17.52 6.75 -25.80
CA ASP A 261 -16.19 6.26 -26.13
C ASP A 261 -15.34 6.37 -24.86
N PRO A 262 -14.91 5.24 -24.29
CA PRO A 262 -14.13 5.32 -23.06
C PRO A 262 -12.81 6.04 -23.21
N GLY A 263 -12.33 6.20 -24.44
CA GLY A 263 -11.16 7.02 -24.73
C GLY A 263 -11.36 8.50 -24.44
N ASP A 264 -12.58 8.90 -24.09
CA ASP A 264 -12.77 10.19 -23.47
C ASP A 264 -12.16 10.27 -22.10
N LEU A 265 -11.56 9.19 -21.63
CA LEU A 265 -10.96 9.19 -20.32
C LEU A 265 -9.45 9.15 -20.35
N VAL A 266 -8.85 8.87 -21.50
CA VAL A 266 -7.40 8.94 -21.57
C VAL A 266 -6.99 10.38 -21.33
N GLY A 267 -6.04 10.57 -20.42
CA GLY A 267 -5.53 11.88 -20.07
C GLY A 267 -6.04 12.44 -18.78
N VAL A 268 -7.10 11.85 -18.22
CA VAL A 268 -7.67 12.35 -16.99
C VAL A 268 -6.85 11.71 -15.88
N LYS A 269 -5.69 12.31 -15.60
CA LYS A 269 -4.70 11.63 -14.78
C LYS A 269 -5.14 11.49 -13.32
N GLU A 270 -6.07 12.34 -12.85
CA GLU A 270 -6.51 12.30 -11.46
C GLU A 270 -7.48 11.16 -11.15
N PHE A 271 -8.09 10.57 -12.18
CA PHE A 271 -9.01 9.45 -11.98
C PHE A 271 -8.22 8.17 -11.73
N GLY A 272 -8.55 7.48 -10.64
CA GLY A 272 -7.66 6.52 -10.04
C GLY A 272 -8.24 5.12 -9.92
N TYR A 273 -7.37 4.13 -10.03
CA TYR A 273 -7.70 2.72 -9.85
C TYR A 273 -6.86 2.20 -8.69
N LEU A 274 -7.50 1.63 -7.67
CA LEU A 274 -6.77 1.16 -6.49
C LEU A 274 -6.89 -0.35 -6.32
N LEU A 275 -5.85 -0.98 -5.78
CA LEU A 275 -5.83 -2.38 -5.42
C LEU A 275 -5.61 -2.45 -3.92
N LEU A 276 -6.39 -3.26 -3.22
CA LEU A 276 -6.39 -3.20 -1.76
C LEU A 276 -6.32 -4.58 -1.17
N VAL A 277 -5.53 -4.74 -0.11
CA VAL A 277 -5.50 -6.01 0.59
C VAL A 277 -5.68 -5.74 2.07
N ALA A 278 -6.78 -6.24 2.62
CA ALA A 278 -7.08 -6.10 4.04
C ALA A 278 -7.15 -7.49 4.64
N GLN A 279 -6.77 -7.59 5.90
CA GLN A 279 -6.82 -8.87 6.58
C GLN A 279 -7.72 -8.81 7.83
N ARG A 280 -8.24 -9.97 8.19
CA ARG A 280 -8.89 -10.15 9.48
C ARG A 280 -7.91 -10.79 10.43
N PRO A 281 -7.60 -10.17 11.56
CA PRO A 281 -6.54 -10.71 12.42
C PRO A 281 -6.94 -12.04 12.99
N GLY A 282 -5.94 -12.81 13.42
CA GLY A 282 -6.13 -14.21 13.76
C GLY A 282 -5.41 -15.11 12.74
N LYS A 283 -5.99 -16.32 12.56
CA LYS A 283 -5.29 -17.50 11.99
C LYS A 283 -3.94 -17.65 12.63
N LEU B 6 -6.58 7.24 17.02
CA LEU B 6 -6.02 8.52 16.56
C LEU B 6 -5.45 9.31 17.73
N SER B 7 -4.36 8.80 18.35
CA SER B 7 -3.75 9.39 19.56
C SER B 7 -4.59 9.09 20.81
N GLU B 8 -5.22 7.90 20.84
CA GLU B 8 -6.01 7.54 22.01
C GLU B 8 -5.18 7.64 23.27
N LEU B 9 -3.79 7.43 23.14
CA LEU B 9 -2.64 7.65 24.02
C LEU B 9 -2.02 8.99 23.68
N PRO B 10 -1.69 9.82 24.67
CA PRO B 10 -1.07 11.11 24.37
C PRO B 10 0.33 10.94 23.79
N MET B 11 0.80 11.99 23.12
CA MET B 11 2.03 11.79 22.37
C MET B 11 3.04 12.94 22.54
N PRO B 12 4.33 12.58 22.48
CA PRO B 12 5.40 13.50 22.95
C PRO B 12 5.55 14.80 22.21
N SER B 13 5.07 14.89 20.99
CA SER B 13 5.11 16.15 20.27
C SER B 13 6.53 16.71 20.12
N PRO B 14 7.46 16.02 19.45
CA PRO B 14 8.89 16.26 19.69
C PRO B 14 9.44 17.43 18.88
N ALA B 15 10.63 17.85 19.31
CA ALA B 15 11.34 19.00 18.77
C ALA B 15 12.63 18.53 18.13
N SER B 16 12.80 18.85 16.84
CA SER B 16 13.86 18.25 16.05
C SER B 16 15.22 18.51 16.66
N GLU B 17 15.48 19.73 17.14
CA GLU B 17 16.77 19.99 17.76
C GLU B 17 16.95 19.24 19.08
N GLU B 18 15.87 18.96 19.81
CA GLU B 18 16.01 18.11 21.00
C GLU B 18 16.31 16.68 20.59
N VAL B 19 15.74 16.25 19.45
CA VAL B 19 16.04 14.95 18.87
C VAL B 19 17.54 14.81 18.65
N GLY B 20 18.16 15.86 18.10
CA GLY B 20 19.61 15.85 17.94
C GLY B 20 20.35 15.70 19.25
N ALA B 21 19.87 16.40 20.29
CA ALA B 21 20.46 16.22 21.60
C ALA B 21 20.43 14.76 22.02
N LEU B 22 19.30 14.09 21.74
CA LEU B 22 19.13 12.69 22.13
C LEU B 22 20.13 11.77 21.43
N TYR B 23 20.21 11.85 20.09
CA TYR B 23 21.11 10.95 19.36
C TYR B 23 22.56 11.25 19.67
N ASP B 24 22.89 12.53 19.83
CA ASP B 24 24.19 12.91 20.35
C ASP B 24 24.50 12.12 21.64
N ARG B 25 23.53 12.04 22.54
CA ARG B 25 23.69 11.26 23.77
C ARG B 25 23.86 9.77 23.46
N PHE B 26 22.98 9.20 22.63
CA PHE B 26 22.79 7.75 22.59
C PHE B 26 23.21 7.12 21.26
N THR B 27 23.91 7.84 20.40
CA THR B 27 24.71 7.18 19.38
C THR B 27 26.14 7.02 19.87
N ALA B 28 26.29 6.59 21.11
CA ALA B 28 27.63 6.48 21.69
C ALA B 28 27.50 5.41 22.78
N LEU B 29 27.92 4.19 22.46
CA LEU B 29 27.38 2.95 23.03
C LEU B 29 25.93 2.74 22.62
N GLY B 30 25.40 3.56 21.69
CA GLY B 30 24.19 3.20 20.98
C GLY B 30 24.48 2.31 19.79
N ALA B 31 25.66 2.46 19.21
CA ALA B 31 26.11 1.54 18.16
C ALA B 31 26.44 0.15 18.71
N ALA B 32 26.84 0.04 19.98
CA ALA B 32 27.31 -1.24 20.53
C ALA B 32 26.17 -2.19 20.91
N SER B 33 24.92 -1.74 20.81
CA SER B 33 23.72 -2.51 21.17
C SER B 33 22.99 -3.05 19.95
N LEU B 34 22.53 -2.16 19.07
CA LEU B 34 21.93 -2.58 17.80
C LEU B 34 22.98 -2.73 16.71
N GLY B 35 23.85 -1.74 16.56
CA GLY B 35 24.84 -1.73 15.51
C GLY B 35 24.71 -0.49 14.65
N GLU B 36 24.98 -0.71 13.35
CA GLU B 36 25.17 0.38 12.41
C GLU B 36 23.86 0.86 11.79
N ASN B 37 22.91 -0.03 11.52
CA ASN B 37 21.63 0.35 10.94
C ASN B 37 20.67 0.71 12.07
N LEU B 38 20.34 1.99 12.22
CA LEU B 38 19.38 2.42 13.24
C LEU B 38 17.95 2.36 12.69
N HIS B 39 17.55 1.14 12.33
CA HIS B 39 16.18 0.87 11.88
C HIS B 39 15.87 -0.62 12.07
N PHE B 40 14.59 -0.98 11.88
CA PHE B 40 14.11 -2.34 12.09
C PHE B 40 14.73 -3.31 11.11
N GLY B 41 14.69 -4.61 11.47
CA GLY B 41 15.01 -5.68 10.54
C GLY B 41 13.75 -6.16 9.80
N TYR B 42 13.98 -6.98 8.77
CA TYR B 42 12.87 -7.57 8.01
C TYR B 42 13.18 -9.00 7.64
N TRP B 43 12.22 -9.90 7.91
CA TRP B 43 12.37 -11.32 7.63
C TRP B 43 11.15 -11.83 6.90
N ASP B 44 11.33 -12.94 6.18
CA ASP B 44 10.26 -13.43 5.32
C ASP B 44 9.13 -14.05 6.12
N SER B 45 9.44 -14.67 7.25
CA SER B 45 8.46 -15.18 8.18
C SER B 45 9.12 -15.30 9.54
N PRO B 46 8.33 -15.24 10.64
CA PRO B 46 8.93 -14.93 11.95
C PRO B 46 10.03 -15.90 12.36
N ASP B 47 10.05 -17.09 11.79
CA ASP B 47 10.97 -18.18 12.11
C ASP B 47 12.37 -18.00 11.52
N SER B 48 12.57 -17.02 10.64
CA SER B 48 13.81 -16.91 9.85
C SER B 48 15.03 -16.93 10.77
N GLN B 49 16.12 -17.48 10.27
CA GLN B 49 17.32 -17.55 11.06
C GLN B 49 18.34 -16.50 10.66
N VAL B 50 17.93 -15.51 9.87
CA VAL B 50 18.89 -14.61 9.23
C VAL B 50 19.36 -13.57 10.26
N PRO B 51 20.67 -13.29 10.36
CA PRO B 51 21.13 -12.38 11.42
C PRO B 51 20.49 -11.03 11.25
N LEU B 52 20.32 -10.35 12.38
CA LEU B 52 19.75 -9.00 12.34
C LEU B 52 20.61 -8.09 11.49
N ALA B 53 21.93 -8.20 11.64
CA ALA B 53 22.85 -7.49 10.77
C ALA B 53 22.32 -7.51 9.34
N GLU B 54 22.16 -8.72 8.81
CA GLU B 54 21.74 -8.87 7.42
C GLU B 54 20.32 -8.35 7.21
N ALA B 55 19.40 -8.62 8.14
CA ALA B 55 17.99 -8.32 7.90
C ALA B 55 17.69 -6.82 7.89
N THR B 56 18.46 -6.02 8.64
CA THR B 56 18.30 -4.56 8.56
C THR B 56 18.73 -4.05 7.20
N ASP B 57 19.86 -4.55 6.67
CA ASP B 57 20.26 -4.17 5.32
C ASP B 57 19.15 -4.47 4.33
N ARG B 58 18.41 -5.54 4.58
CA ARG B 58 17.29 -5.91 3.68
C ARG B 58 16.28 -4.76 3.65
N LEU B 59 15.89 -4.21 4.80
CA LEU B 59 14.91 -3.13 4.72
C LEU B 59 15.48 -1.95 3.95
N THR B 60 16.76 -1.59 4.16
CA THR B 60 17.37 -0.53 3.36
C THR B 60 17.08 -0.80 1.92
N ASP B 61 17.30 -2.05 1.51
CA ASP B 61 17.30 -2.41 0.11
C ASP B 61 15.89 -2.31 -0.47
N MET B 62 14.89 -2.89 0.20
CA MET B 62 13.55 -2.74 -0.36
C MET B 62 13.06 -1.31 -0.33
N MET B 63 13.61 -0.46 0.54
CA MET B 63 13.22 0.94 0.43
C MET B 63 14.00 1.62 -0.68
N ALA B 64 15.28 1.28 -0.81
CA ALA B 64 16.10 1.80 -1.92
C ALA B 64 15.44 1.48 -3.28
N GLU B 65 15.00 0.23 -3.45
CA GLU B 65 14.46 -0.20 -4.72
C GLU B 65 13.26 0.62 -5.13
N ARG B 66 12.40 0.99 -4.18
CA ARG B 66 11.23 1.79 -4.51
C ARG B 66 11.59 3.24 -4.85
N LEU B 67 12.80 3.69 -4.52
CA LEU B 67 13.25 5.00 -4.98
C LEU B 67 13.38 5.06 -6.50
N ARG B 68 13.71 3.93 -7.13
CA ARG B 68 13.86 3.82 -8.57
C ARG B 68 14.94 4.78 -9.09
N ILE B 69 16.18 4.49 -8.72
CA ILE B 69 17.30 5.35 -9.09
C ILE B 69 18.33 4.53 -9.85
N GLY B 70 19.40 5.19 -10.34
CA GLY B 70 20.46 4.48 -11.02
C GLY B 70 21.76 5.19 -10.77
N ALA B 71 22.85 4.87 -11.48
CA ALA B 71 24.03 5.70 -11.36
C ALA B 71 23.68 7.12 -11.79
N GLY B 72 24.27 8.10 -11.11
CA GLY B 72 23.98 9.51 -11.41
C GLY B 72 22.55 9.92 -11.17
N SER B 73 21.94 9.42 -10.09
CA SER B 73 20.70 9.94 -9.53
C SER B 73 21.04 10.71 -8.29
N ARG B 74 20.52 11.93 -8.17
CA ARG B 74 20.62 12.64 -6.90
C ARG B 74 19.56 12.07 -5.96
N VAL B 75 19.96 11.61 -4.77
CA VAL B 75 19.05 11.04 -3.77
C VAL B 75 19.20 11.78 -2.45
N LEU B 76 18.07 12.06 -1.79
CA LEU B 76 18.03 12.75 -0.50
C LEU B 76 17.73 11.76 0.61
N ASP B 77 18.62 11.70 1.59
CA ASP B 77 18.54 10.77 2.72
C ASP B 77 18.08 11.55 3.94
N LEU B 78 16.76 11.66 4.14
CA LEU B 78 16.24 12.23 5.36
C LEU B 78 16.65 11.37 6.55
N GLY B 79 17.28 12.00 7.54
CA GLY B 79 17.56 11.31 8.78
C GLY B 79 18.63 10.27 8.56
N CYS B 80 19.86 10.72 8.38
CA CYS B 80 20.80 9.80 7.76
C CYS B 80 21.29 8.71 8.67
N GLY B 81 21.05 8.81 9.98
CA GLY B 81 21.66 7.90 10.92
C GLY B 81 23.18 8.06 10.95
N VAL B 82 23.85 6.95 11.23
CA VAL B 82 25.29 6.95 11.42
C VAL B 82 25.94 6.64 10.07
N GLY B 83 25.13 6.71 9.00
CA GLY B 83 25.60 6.69 7.63
C GLY B 83 25.37 5.40 6.87
N THR B 84 25.13 4.28 7.56
CA THR B 84 25.22 3.00 6.87
C THR B 84 24.17 2.82 5.78
N PRO B 85 22.87 3.08 5.99
CA PRO B 85 21.94 2.85 4.87
C PRO B 85 22.22 3.74 3.67
N GLY B 86 22.70 4.97 3.92
CA GLY B 86 22.96 5.91 2.86
C GLY B 86 24.20 5.59 2.09
N VAL B 87 25.30 5.28 2.80
CA VAL B 87 26.53 4.90 2.12
C VAL B 87 26.26 3.66 1.28
N ARG B 88 25.40 2.77 1.80
CA ARG B 88 25.01 1.55 1.09
C ARG B 88 24.38 1.86 -0.27
N ILE B 89 23.36 2.71 -0.28
CA ILE B 89 22.70 3.08 -1.52
C ILE B 89 23.67 3.72 -2.50
N ALA B 90 24.64 4.48 -2.00
CA ALA B 90 25.62 5.08 -2.91
C ALA B 90 26.57 4.02 -3.49
N ARG B 91 27.09 3.13 -2.64
CA ARG B 91 28.02 2.09 -3.09
C ARG B 91 27.35 1.11 -4.05
N LEU B 92 26.12 0.71 -3.73
CA LEU B 92 25.48 -0.29 -4.53
C LEU B 92 24.86 0.30 -5.78
N SER B 93 24.16 1.42 -5.67
CA SER B 93 23.44 1.96 -6.83
C SER B 93 24.24 2.96 -7.66
N GLY B 94 25.37 3.45 -7.14
CA GLY B 94 26.08 4.50 -7.81
C GLY B 94 25.35 5.81 -7.88
N ALA B 95 24.16 5.88 -7.32
CA ALA B 95 23.53 7.16 -7.12
C ALA B 95 24.35 8.00 -6.16
N HIS B 96 24.15 9.33 -6.24
CA HIS B 96 24.69 10.30 -5.31
C HIS B 96 23.70 10.55 -4.19
N VAL B 97 24.20 10.53 -2.96
CA VAL B 97 23.39 10.61 -1.76
C VAL B 97 23.87 11.82 -0.96
N THR B 98 23.00 12.83 -0.83
CA THR B 98 23.15 13.91 0.13
C THR B 98 22.22 13.56 1.31
N GLY B 99 22.79 13.40 2.50
CA GLY B 99 22.04 13.00 3.68
C GLY B 99 22.08 14.06 4.76
N ILE B 100 21.01 14.12 5.57
CA ILE B 100 20.85 15.15 6.61
C ILE B 100 20.49 14.48 7.93
N SER B 101 21.03 15.02 9.02
CA SER B 101 20.68 14.64 10.39
C SER B 101 20.78 15.88 11.25
N VAL B 102 20.15 15.85 12.43
CA VAL B 102 20.16 17.02 13.36
C VAL B 102 21.18 16.78 14.48
N SER B 103 21.77 15.58 14.54
CA SER B 103 22.79 15.28 15.54
C SER B 103 24.19 15.42 14.95
N HIS B 104 25.04 16.21 15.62
CA HIS B 104 26.41 16.39 15.16
C HIS B 104 27.17 15.07 15.20
N GLU B 105 27.05 14.30 16.28
CA GLU B 105 27.82 13.07 16.35
C GLU B 105 27.45 12.10 15.22
N GLN B 106 26.21 12.15 14.75
CA GLN B 106 25.84 11.33 13.59
C GLN B 106 26.52 11.83 12.33
N VAL B 107 26.23 13.07 11.90
CA VAL B 107 26.79 13.64 10.67
C VAL B 107 28.31 13.49 10.58
N VAL B 108 28.97 13.30 11.70
CA VAL B 108 30.40 13.01 11.63
C VAL B 108 30.63 11.53 11.36
N ARG B 109 29.98 10.63 12.09
CA ARG B 109 30.25 9.21 11.86
C ARG B 109 29.95 8.83 10.42
N ALA B 110 28.99 9.53 9.79
CA ALA B 110 28.53 9.13 8.45
C ALA B 110 29.43 9.65 7.34
N ASN B 111 29.90 10.89 7.43
CA ASN B 111 30.94 11.32 6.52
C ASN B 111 32.13 10.38 6.60
N ALA B 112 32.37 9.81 7.78
CA ALA B 112 33.47 8.90 7.99
C ALA B 112 33.23 7.59 7.27
N LEU B 113 32.03 7.03 7.44
CA LEU B 113 31.69 5.83 6.72
C LEU B 113 31.86 6.03 5.22
N ALA B 114 31.27 7.11 4.68
CA ALA B 114 31.49 7.49 3.29
C ALA B 114 32.97 7.57 2.98
N GLU B 115 33.75 8.25 3.84
CA GLU B 115 35.17 8.44 3.59
C GLU B 115 35.92 7.12 3.59
N GLU B 116 35.54 6.21 4.48
CA GLU B 116 36.24 4.92 4.54
C GLU B 116 35.78 3.98 3.43
N ALA B 117 34.64 4.25 2.82
CA ALA B 117 34.22 3.48 1.66
C ALA B 117 34.78 4.06 0.38
N GLY B 118 35.60 5.10 0.48
CA GLY B 118 36.11 5.76 -0.71
C GLY B 118 35.03 6.41 -1.52
N LEU B 119 33.94 6.81 -0.86
CA LEU B 119 32.78 7.36 -1.54
C LEU B 119 32.42 8.73 -0.99
N ALA B 120 33.43 9.50 -0.54
CA ALA B 120 33.14 10.82 0.02
C ALA B 120 32.62 11.83 -1.00
N ASP B 121 32.80 11.52 -2.30
CA ASP B 121 32.36 12.47 -3.34
C ASP B 121 30.95 12.07 -3.76
N ARG B 122 30.57 10.83 -3.51
CA ARG B 122 29.29 10.30 -3.94
C ARG B 122 28.25 10.32 -2.83
N ALA B 123 28.68 10.47 -1.57
CA ALA B 123 27.79 10.41 -0.41
C ALA B 123 28.28 11.41 0.62
N ARG B 124 27.66 12.59 0.65
CA ARG B 124 27.96 13.66 1.59
C ARG B 124 26.82 13.82 2.60
N PHE B 125 27.17 13.95 3.88
CA PHE B 125 26.20 14.07 4.96
C PHE B 125 26.39 15.40 5.69
N GLN B 126 25.29 16.11 5.92
CA GLN B 126 25.33 17.48 6.42
C GLN B 126 24.23 17.70 7.46
N ARG B 127 24.37 18.73 8.27
CA ARG B 127 23.41 19.02 9.33
C ARG B 127 22.33 19.94 8.75
N ALA B 128 21.07 19.50 8.86
CA ALA B 128 19.92 20.30 8.41
C ALA B 128 18.62 19.74 9.00
N ASP B 129 17.58 20.59 9.01
CA ASP B 129 16.33 20.26 9.67
C ASP B 129 15.31 19.91 8.60
N ALA B 130 14.75 18.69 8.69
CA ALA B 130 13.80 18.26 7.67
C ALA B 130 12.62 19.23 7.56
N MET B 131 12.34 19.97 8.64
CA MET B 131 11.30 21.01 8.61
C MET B 131 11.74 22.25 7.86
N ASP B 132 13.00 22.31 7.45
CA ASP B 132 13.52 23.42 6.65
C ASP B 132 14.69 22.86 5.87
N LEU B 133 14.44 22.50 4.59
CA LEU B 133 15.42 21.82 3.74
C LEU B 133 16.23 22.85 2.96
N PRO B 134 17.55 22.96 3.18
CA PRO B 134 18.33 24.03 2.54
C PRO B 134 18.83 23.68 1.14
N PHE B 135 17.90 23.46 0.21
CA PHE B 135 18.20 22.92 -1.10
C PHE B 135 17.27 23.53 -2.16
N GLU B 136 17.83 23.87 -3.32
CA GLU B 136 17.02 24.43 -4.40
C GLU B 136 15.79 23.56 -4.62
N ASP B 137 14.70 24.15 -5.11
CA ASP B 137 13.55 23.33 -5.48
C ASP B 137 13.99 22.35 -6.57
N GLU B 138 13.35 21.19 -6.60
CA GLU B 138 13.56 20.22 -7.69
C GLU B 138 15.05 19.90 -7.88
N SER B 139 15.67 19.36 -6.81
CA SER B 139 17.07 18.99 -6.90
C SER B 139 17.33 17.53 -6.50
N PHE B 140 16.28 16.72 -6.44
CA PHE B 140 16.39 15.30 -6.09
C PHE B 140 15.46 14.41 -6.92
N ASP B 141 15.99 13.28 -7.40
CA ASP B 141 15.17 12.29 -8.07
C ASP B 141 14.38 11.43 -7.07
N ALA B 142 14.83 11.28 -5.83
CA ALA B 142 14.12 10.41 -4.91
C ALA B 142 14.49 10.81 -3.49
N VAL B 143 13.60 10.53 -2.53
CA VAL B 143 13.88 10.75 -1.12
C VAL B 143 13.52 9.49 -0.34
N ILE B 144 14.44 9.03 0.51
CA ILE B 144 14.22 7.90 1.39
C ILE B 144 14.28 8.43 2.79
N ALA B 145 13.23 8.19 3.56
CA ALA B 145 13.20 8.59 4.96
C ALA B 145 13.08 7.34 5.83
N LEU B 146 14.23 6.74 6.12
CA LEU B 146 14.31 5.40 6.69
C LEU B 146 14.27 5.49 8.22
N GLU B 147 13.06 5.36 8.78
CA GLU B 147 12.79 5.49 10.21
C GLU B 147 13.12 6.87 10.73
N SER B 148 12.69 7.85 10.01
CA SER B 148 13.07 9.20 10.33
C SER B 148 11.87 10.08 10.58
N ILE B 149 10.82 9.94 9.77
CA ILE B 149 9.70 10.84 9.91
C ILE B 149 9.11 10.77 11.31
N ILE B 150 9.37 9.65 12.02
CA ILE B 150 8.74 9.37 13.31
C ILE B 150 9.13 10.40 14.37
N HIS B 151 10.38 10.86 14.35
CA HIS B 151 10.86 11.85 15.31
C HIS B 151 10.49 13.28 14.95
N MET B 152 9.48 13.53 14.13
CA MET B 152 9.58 14.89 13.62
C MET B 152 8.38 15.74 13.99
N PRO B 153 8.56 17.04 14.10
CA PRO B 153 7.51 17.89 14.68
C PRO B 153 6.23 17.98 13.84
N ASP B 154 6.29 18.40 12.58
CA ASP B 154 5.06 18.55 11.80
C ASP B 154 5.15 17.79 10.48
N ARG B 155 4.57 16.58 10.48
CA ARG B 155 4.59 15.73 9.28
C ARG B 155 4.08 16.50 8.06
N ALA B 156 2.95 17.19 8.19
CA ALA B 156 2.38 17.87 7.03
C ALA B 156 3.36 18.85 6.41
N GLN B 157 4.30 19.35 7.20
CA GLN B 157 5.25 20.37 6.69
C GLN B 157 6.47 19.68 6.11
N VAL B 158 7.01 18.72 6.84
CA VAL B 158 8.14 17.94 6.35
C VAL B 158 7.83 17.38 4.96
N LEU B 159 6.67 16.68 4.83
CA LEU B 159 6.21 16.20 3.52
C LEU B 159 6.07 17.35 2.52
N ALA B 160 5.55 18.50 2.94
CA ALA B 160 5.50 19.65 2.04
C ALA B 160 6.89 20.13 1.66
N GLN B 161 7.86 19.97 2.56
CA GLN B 161 9.25 20.30 2.21
C GLN B 161 9.79 19.34 1.14
N VAL B 162 9.59 18.03 1.34
CA VAL B 162 10.04 17.00 0.39
C VAL B 162 9.35 17.19 -0.97
N GLY B 163 8.05 17.48 -0.97
CA GLY B 163 7.37 17.68 -2.23
C GLY B 163 7.95 18.81 -3.04
N ARG B 164 8.69 19.70 -2.40
CA ARG B 164 9.30 20.87 -3.03
C ARG B 164 10.63 20.52 -3.71
N VAL B 165 11.47 19.78 -3.00
CA VAL B 165 12.76 19.37 -3.53
C VAL B 165 12.63 18.21 -4.52
N LEU B 166 11.60 17.37 -4.38
CA LEU B 166 11.40 16.27 -5.32
C LEU B 166 11.12 16.79 -6.73
N ARG B 167 11.94 16.35 -7.69
CA ARG B 167 11.66 16.68 -9.08
C ARG B 167 10.35 16.01 -9.46
N PRO B 168 9.67 16.49 -10.49
CA PRO B 168 8.47 15.77 -10.96
C PRO B 168 8.82 14.33 -11.30
N GLY B 169 7.94 13.42 -10.92
CA GLY B 169 8.18 12.01 -11.11
C GLY B 169 8.96 11.35 -10.00
N GLY B 170 9.64 12.11 -9.17
CA GLY B 170 10.39 11.52 -8.10
C GLY B 170 9.47 10.89 -7.08
N ARG B 171 10.05 10.00 -6.31
CA ARG B 171 9.25 9.23 -5.34
C ARG B 171 9.81 9.37 -3.95
N LEU B 172 8.94 9.41 -2.97
CA LEU B 172 9.28 9.44 -1.56
C LEU B 172 9.02 8.07 -0.95
N VAL B 173 10.03 7.48 -0.30
CA VAL B 173 9.89 6.21 0.40
C VAL B 173 10.22 6.43 1.86
N LEU B 174 9.26 6.12 2.74
CA LEU B 174 9.39 6.30 4.17
C LEU B 174 8.88 5.09 4.92
N THR B 175 9.39 4.93 6.12
CA THR B 175 8.71 4.17 7.15
C THR B 175 8.05 5.17 8.11
N ASP B 176 7.09 4.65 8.92
CA ASP B 176 6.35 5.35 10.01
C ASP B 176 5.70 4.32 10.95
N PHE B 177 5.41 4.75 12.19
CA PHE B 177 4.63 3.97 13.17
C PHE B 177 3.16 4.36 13.07
N PHE B 178 2.29 3.37 13.35
CA PHE B 178 0.84 3.66 13.26
C PHE B 178 -0.01 2.70 14.07
N GLU B 179 -1.26 3.11 14.33
CA GLU B 179 -2.26 2.27 15.00
C GLU B 179 -2.96 1.45 13.92
N ARG B 180 -2.69 0.14 13.91
CA ARG B 180 -3.37 -0.75 12.96
C ARG B 180 -4.86 -0.75 13.20
N ALA B 181 -5.24 -0.67 14.46
CA ALA B 181 -6.60 -0.35 14.88
C ALA B 181 -6.45 0.00 16.36
N PRO B 182 -7.57 0.36 17.08
CA PRO B 182 -7.51 0.58 18.53
C PRO B 182 -6.57 -0.34 19.31
N LEU B 183 -5.81 0.60 20.22
CA LEU B 183 -4.74 0.01 21.07
C LEU B 183 -5.30 -0.96 22.10
N ALA B 184 -4.56 -2.30 22.13
CA ALA B 184 -4.95 -3.04 23.32
C ALA B 184 -4.56 -2.24 24.56
N PRO B 185 -5.50 -2.00 25.49
CA PRO B 185 -5.14 -1.26 26.71
C PRO B 185 -4.04 -1.93 27.53
N GLU B 186 -3.94 -3.28 27.48
CA GLU B 186 -2.92 -3.99 28.25
C GLU B 186 -1.51 -3.46 27.94
N GLY B 187 -1.30 -2.91 26.74
CA GLY B 187 0.01 -2.46 26.34
C GLY B 187 0.22 -0.97 26.05
N ARG B 188 -0.81 -0.12 26.19
CA ARG B 188 -0.62 1.33 25.97
C ARG B 188 0.52 1.88 26.77
N ALA B 189 0.93 1.15 27.80
CA ALA B 189 2.06 1.49 28.63
C ALA B 189 3.35 1.53 27.82
N ALA B 190 3.77 0.35 27.35
CA ALA B 190 5.08 0.22 26.72
C ALA B 190 5.20 1.12 25.49
N VAL B 191 4.10 1.34 24.77
CA VAL B 191 4.12 2.29 23.66
C VAL B 191 4.20 3.73 24.18
N GLN B 192 3.45 4.06 25.25
CA GLN B 192 3.57 5.40 25.85
C GLN B 192 5.01 5.68 26.27
N ARG B 193 5.78 4.62 26.62
CA ARG B 193 7.16 4.71 27.12
C ARG B 193 8.17 4.83 25.98
N TYR B 194 8.06 3.97 24.97
CA TYR B 194 8.86 4.08 23.75
C TYR B 194 8.64 5.43 23.08
N LEU B 195 7.37 5.73 22.79
CA LEU B 195 7.01 6.95 22.08
C LEU B 195 7.55 8.19 22.79
N HIS B 196 7.41 8.24 24.11
CA HIS B 196 7.94 9.37 24.86
C HIS B 196 9.45 9.30 24.91
N ASP B 197 9.99 8.17 25.38
CA ASP B 197 11.42 8.15 25.68
C ASP B 197 12.28 8.34 24.46
N PHE B 198 11.73 8.23 23.26
CA PHE B 198 12.56 8.56 22.10
C PHE B 198 11.92 9.62 21.22
N MET B 199 11.02 10.42 21.79
CA MET B 199 10.53 11.62 21.13
C MET B 199 9.90 11.27 19.77
N MET B 200 8.82 10.48 19.80
CA MET B 200 8.20 10.00 18.56
C MET B 200 6.69 10.25 18.56
N THR B 201 6.03 9.82 17.48
CA THR B 201 4.61 10.07 17.28
C THR B 201 4.06 9.05 16.27
N MET B 202 2.97 8.36 16.63
CA MET B 202 2.25 7.47 15.73
C MET B 202 1.29 8.25 14.85
N VAL B 203 0.74 7.64 13.87
CA VAL B 203 -0.17 8.36 12.94
C VAL B 203 -1.29 7.42 12.50
N SER B 204 -2.33 7.93 11.91
CA SER B 204 -3.46 7.18 11.43
C SER B 204 -3.24 6.85 9.95
N ALA B 205 -3.51 5.61 9.58
CA ALA B 205 -3.27 5.19 8.17
C ALA B 205 -4.08 6.10 7.26
N GLU B 206 -5.19 6.63 7.74
CA GLU B 206 -6.09 7.45 6.90
C GLU B 206 -5.60 8.90 6.90
N ALA B 207 -4.47 9.16 7.53
CA ALA B 207 -3.91 10.53 7.53
C ALA B 207 -3.06 10.74 6.29
N TYR B 208 -2.21 9.78 5.96
CA TYR B 208 -1.25 9.96 4.84
C TYR B 208 -1.92 10.43 3.54
N PRO B 209 -3.02 9.84 3.04
CA PRO B 209 -3.56 10.32 1.77
C PRO B 209 -3.77 11.85 1.74
N PRO B 210 -4.58 12.49 2.61
CA PRO B 210 -4.69 13.95 2.61
C PRO B 210 -3.34 14.56 2.94
N LEU B 211 -2.60 13.91 3.81
CA LEU B 211 -1.27 14.38 4.19
C LEU B 211 -0.36 14.54 3.02
N LEU B 212 -0.27 13.51 2.16
CA LEU B 212 0.58 13.64 1.00
C LEU B 212 -0.03 14.59 -0.03
N ARG B 213 -1.23 14.57 -0.32
CA ARG B 213 -1.82 15.51 -1.31
C ARG B 213 -1.48 16.93 -0.87
N GLY B 214 -1.58 17.17 0.52
CA GLY B 214 -1.16 18.50 0.94
C GLY B 214 0.25 18.85 0.49
N ALA B 215 1.20 17.94 0.69
CA ALA B 215 2.59 18.12 0.27
C ALA B 215 2.77 18.15 -1.26
N GLY B 216 1.73 17.91 -2.04
CA GLY B 216 1.88 17.84 -3.48
C GLY B 216 2.33 16.50 -4.04
N LEU B 217 2.07 15.39 -3.31
CA LEU B 217 2.42 14.02 -3.68
C LEU B 217 1.21 13.11 -3.63
N TRP B 218 1.16 12.13 -4.53
CA TRP B 218 0.11 11.11 -4.56
C TRP B 218 0.59 9.84 -3.86
N LEU B 219 -0.21 9.29 -2.95
CA LEU B 219 0.12 7.99 -2.40
C LEU B 219 0.24 6.99 -3.53
N GLU B 220 1.20 6.09 -3.40
CA GLU B 220 1.37 5.04 -4.37
C GLU B 220 1.24 3.66 -3.76
N GLU B 221 1.67 3.49 -2.52
CA GLU B 221 1.78 2.16 -1.92
C GLU B 221 1.84 2.36 -0.41
N PHE B 222 0.83 1.87 0.28
CA PHE B 222 0.93 1.69 1.72
C PHE B 222 1.09 0.21 1.99
N LEU B 223 2.00 -0.13 2.90
CA LEU B 223 2.30 -1.52 3.19
C LEU B 223 2.52 -1.71 4.69
N ASP B 224 1.62 -2.48 5.34
CA ASP B 224 1.79 -2.88 6.75
C ASP B 224 2.87 -3.94 6.83
N ILE B 225 4.04 -3.56 7.30
CA ILE B 225 5.12 -4.53 7.43
C ILE B 225 5.32 -4.90 8.89
N SER B 226 4.30 -4.73 9.71
CA SER B 226 4.49 -4.96 11.17
C SER B 226 4.78 -6.44 11.46
N ASP B 227 4.04 -7.35 10.81
CA ASP B 227 4.21 -8.77 11.12
C ASP B 227 5.58 -9.30 10.70
N GLN B 228 6.33 -8.53 9.92
CA GLN B 228 7.64 -8.93 9.47
C GLN B 228 8.76 -8.16 10.14
N THR B 229 8.45 -7.14 10.94
CA THR B 229 9.44 -6.19 11.44
C THR B 229 9.51 -6.11 12.96
N LEU B 230 8.37 -5.89 13.62
CA LEU B 230 8.40 -5.41 15.01
C LEU B 230 8.93 -6.48 15.97
N GLU B 231 8.23 -7.62 16.09
CA GLU B 231 8.56 -8.58 17.15
C GLU B 231 10.02 -9.03 17.07
N LYS B 232 10.41 -9.66 15.96
CA LYS B 232 11.64 -10.43 15.96
C LYS B 232 12.85 -9.57 16.24
N THR B 233 12.80 -8.30 15.81
CA THR B 233 13.80 -7.32 16.23
C THR B 233 13.76 -7.15 17.74
N PHE B 234 12.56 -6.89 18.27
CA PHE B 234 12.39 -6.57 19.68
C PHE B 234 12.95 -7.71 20.54
N ARG B 235 12.55 -8.96 20.24
CA ARG B 235 13.07 -10.12 20.96
C ARG B 235 14.60 -10.14 20.96
N LEU B 236 15.22 -9.72 19.85
CA LEU B 236 16.67 -9.83 19.77
C LEU B 236 17.39 -8.65 20.42
N LEU B 237 16.85 -7.43 20.31
CA LEU B 237 17.55 -6.28 20.88
C LEU B 237 17.49 -6.30 22.40
N SER B 238 16.32 -6.55 22.96
CA SER B 238 16.25 -6.77 24.39
C SER B 238 17.13 -7.94 24.82
N GLU B 239 17.26 -8.97 23.98
CA GLU B 239 18.14 -10.09 24.31
C GLU B 239 19.62 -9.71 24.16
N ARG B 240 19.95 -8.96 23.12
CA ARG B 240 21.31 -8.42 23.04
C ARG B 240 21.62 -7.60 24.28
N ILE B 241 20.71 -6.70 24.66
CA ILE B 241 20.96 -5.81 25.79
C ILE B 241 21.10 -6.60 27.09
N ASN B 242 20.11 -7.45 27.40
CA ASN B 242 20.08 -8.12 28.70
C ASN B 242 21.13 -9.19 28.82
N SER B 243 21.88 -9.47 27.76
CA SER B 243 23.02 -10.35 27.89
C SER B 243 24.24 -9.67 28.47
N SER B 244 24.27 -8.33 28.55
CA SER B 244 25.39 -7.62 29.18
C SER B 244 24.91 -6.43 30.01
N LYS B 245 23.79 -6.58 30.73
CA LYS B 245 23.25 -5.46 31.52
C LYS B 245 24.19 -5.04 32.64
N GLN B 246 25.21 -5.84 32.97
CA GLN B 246 26.32 -5.41 33.81
C GLN B 246 27.32 -4.53 33.07
N ARG B 247 27.15 -4.30 31.76
CA ARG B 247 27.91 -3.29 31.02
C ARG B 247 27.29 -1.89 31.11
N LEU B 248 26.08 -1.77 31.65
CA LEU B 248 25.57 -0.46 32.06
C LEU B 248 26.44 0.16 33.15
N GLU B 249 27.26 -0.66 33.81
CA GLU B 249 28.19 -0.17 34.81
C GLU B 249 29.19 0.85 34.24
N THR B 250 29.27 1.00 32.89
CA THR B 250 29.94 2.09 32.20
C THR B 250 29.02 2.83 31.21
N GLN B 251 27.81 2.34 30.90
CA GLN B 251 27.13 2.98 29.77
C GLN B 251 26.04 3.98 30.16
N PHE B 252 25.78 4.19 31.46
CA PHE B 252 24.59 4.88 31.93
C PHE B 252 23.35 4.10 31.55
N GLY B 253 23.55 2.81 31.25
CA GLY B 253 22.43 1.95 30.94
C GLY B 253 21.46 1.72 32.08
N GLU B 254 21.95 1.81 33.32
CA GLU B 254 21.02 1.75 34.45
C GLU B 254 20.00 2.88 34.36
N GLU B 255 20.26 3.92 33.55
CA GLU B 255 19.36 5.06 33.30
C GLU B 255 18.84 5.17 31.88
N MET B 256 19.52 4.59 30.92
CA MET B 256 19.17 4.83 29.53
C MET B 256 18.93 3.58 28.70
N VAL B 257 19.57 2.45 29.01
CA VAL B 257 19.26 1.24 28.23
C VAL B 257 17.91 0.64 28.64
N ASN B 258 17.46 0.89 29.88
CA ASN B 258 16.11 0.48 30.25
C ASN B 258 15.05 1.18 29.39
N GLN B 259 15.29 2.45 29.06
CA GLN B 259 14.44 3.13 28.09
C GLN B 259 14.56 2.47 26.71
N PHE B 260 15.77 2.01 26.35
CA PHE B 260 15.98 1.36 25.06
C PHE B 260 15.50 -0.08 25.01
N ASP B 261 15.48 -0.80 26.17
CA ASP B 261 15.06 -2.21 26.21
C ASP B 261 13.65 -2.41 25.68
N PRO B 262 13.54 -3.09 24.54
CA PRO B 262 12.26 -3.17 23.84
C PRO B 262 11.40 -4.34 24.26
N GLY B 263 11.89 -5.20 25.17
CA GLY B 263 11.17 -6.42 25.48
C GLY B 263 9.74 -6.18 25.89
N ASP B 264 9.48 -5.04 26.55
CA ASP B 264 8.10 -4.68 26.93
C ASP B 264 7.18 -4.47 25.72
N LEU B 265 7.69 -4.52 24.49
CA LEU B 265 6.89 -4.19 23.32
C LEU B 265 6.54 -5.39 22.45
N VAL B 266 7.21 -6.54 22.63
CA VAL B 266 6.71 -7.76 22.02
C VAL B 266 5.23 -7.91 22.36
N GLY B 267 4.46 -8.39 21.40
CA GLY B 267 3.09 -8.66 21.65
C GLY B 267 2.13 -7.50 21.43
N VAL B 268 2.61 -6.25 21.47
CA VAL B 268 1.63 -5.18 21.35
C VAL B 268 1.10 -5.22 19.91
N LYS B 269 -0.08 -5.81 19.73
CA LYS B 269 -0.45 -6.30 18.43
C LYS B 269 -1.10 -5.26 17.53
N GLU B 270 -1.69 -4.20 18.06
CA GLU B 270 -2.18 -3.13 17.19
C GLU B 270 -1.11 -2.06 16.97
N PHE B 271 0.09 -2.25 17.56
CA PHE B 271 1.25 -1.40 17.25
C PHE B 271 1.79 -1.71 15.87
N GLY B 272 1.95 -0.69 15.03
CA GLY B 272 2.13 -0.88 13.60
C GLY B 272 3.29 -0.13 12.99
N TYR B 273 4.03 -0.82 12.12
CA TYR B 273 5.12 -0.27 11.32
C TYR B 273 4.74 -0.36 9.86
N LEU B 274 4.95 0.72 9.10
CA LEU B 274 4.47 0.77 7.72
C LEU B 274 5.54 1.27 6.77
N LEU B 275 5.57 0.68 5.58
CA LEU B 275 6.34 1.18 4.45
C LEU B 275 5.42 1.96 3.53
N LEU B 276 5.89 3.10 3.03
CA LEU B 276 5.05 3.93 2.19
C LEU B 276 5.87 4.50 1.04
N VAL B 277 5.23 4.65 -0.11
CA VAL B 277 5.84 5.26 -1.29
C VAL B 277 4.81 6.19 -1.91
N ALA B 278 5.24 7.43 -2.26
CA ALA B 278 4.42 8.44 -2.93
C ALA B 278 5.19 9.05 -4.07
N GLN B 279 4.50 9.67 -5.03
CA GLN B 279 5.14 10.15 -6.26
C GLN B 279 4.64 11.54 -6.65
N ARG B 280 5.56 12.49 -6.89
CA ARG B 280 5.17 13.80 -7.42
C ARG B 280 4.93 13.70 -8.93
N PRO B 281 3.75 14.09 -9.43
CA PRO B 281 3.41 13.80 -10.85
C PRO B 281 4.34 14.48 -11.84
N GLY B 282 4.52 13.84 -13.01
CA GLY B 282 5.48 14.30 -14.01
C GLY B 282 6.57 13.30 -14.36
N LYS B 283 7.60 13.74 -15.10
CA LYS B 283 8.69 12.86 -15.62
C LYS B 283 8.09 11.68 -16.36
#